data_6EYY
#
_entry.id   6EYY
#
_cell.length_a   175.270
_cell.length_b   175.270
_cell.length_c   175.270
_cell.angle_alpha   90.00
_cell.angle_beta   90.00
_cell.angle_gamma   90.00
#
_symmetry.space_group_name_H-M   'P 43 3 2'
#
loop_
_entity.id
_entity.type
_entity.pdbx_description
1 polymer AcrIIa6
2 water water
#
_entity_poly.entity_id   1
_entity_poly.type   'polypeptide(L)'
_entity_poly.pdbx_seq_one_letter_code
;MKINDDIKELILEYMSRYFKFENDFYKLPGIKFTDANWQKFKNGGTDIEKMGAARVNAMLDCLFDDFELAMIGKAQTNYY
NDNSLKMNMPFYTYYDMFKKQQLLKWLKNNRDDVIGGTGRMYTASGNYIANAYLEVALESSSLGSGSYMLQMRFKDYSKG
QEPIPSGRQNRLEWIENNLENIR
;
_entity_poly.pdbx_strand_id   A,B
#
# COMPACT_ATOMS: atom_id res chain seq x y z
N MET A 1 2.06 -7.63 0.00
CA MET A 1 2.59 -7.41 -1.33
C MET A 1 3.71 -8.40 -1.67
N LYS A 2 3.76 -8.84 -2.93
CA LYS A 2 4.78 -9.76 -3.40
C LYS A 2 5.29 -9.36 -4.76
N ILE A 3 6.63 -9.19 -4.91
CA ILE A 3 7.27 -8.82 -6.17
C ILE A 3 7.60 -10.09 -6.94
N ASN A 4 6.92 -10.26 -8.08
CA ASN A 4 7.06 -11.39 -8.99
C ASN A 4 6.70 -10.96 -10.43
N ASP A 5 6.61 -11.91 -11.38
CA ASP A 5 6.30 -11.64 -12.77
C ASP A 5 4.90 -11.06 -13.00
N ASP A 6 3.96 -11.34 -12.07
CA ASP A 6 2.59 -10.81 -12.06
C ASP A 6 2.61 -9.28 -11.87
N ILE A 7 3.58 -8.77 -11.08
CA ILE A 7 3.80 -7.34 -10.82
C ILE A 7 4.47 -6.66 -12.03
N LYS A 8 5.40 -7.38 -12.68
CA LYS A 8 6.09 -6.93 -13.90
C LYS A 8 5.04 -6.72 -15.01
N GLU A 9 4.12 -7.68 -15.14
CA GLU A 9 3.02 -7.64 -16.09
C GLU A 9 2.07 -6.49 -15.81
N LEU A 10 1.71 -6.29 -14.53
CA LEU A 10 0.86 -5.21 -14.04
C LEU A 10 1.50 -3.85 -14.37
N ILE A 11 2.84 -3.71 -14.12
CA ILE A 11 3.63 -2.51 -14.44
C ILE A 11 3.53 -2.21 -15.94
N LEU A 12 3.86 -3.20 -16.80
CA LEU A 12 3.84 -3.05 -18.27
C LEU A 12 2.46 -2.73 -18.81
N GLU A 13 1.42 -3.32 -18.21
CA GLU A 13 0.02 -3.07 -18.56
C GLU A 13 -0.45 -1.65 -18.22
N TYR A 14 -0.09 -1.15 -17.03
CA TYR A 14 -0.47 0.17 -16.57
C TYR A 14 0.35 1.28 -17.21
N MET A 15 1.60 0.96 -17.57
CA MET A 15 2.51 1.85 -18.28
C MET A 15 1.90 2.19 -19.67
N SER A 16 1.37 1.16 -20.36
CA SER A 16 0.75 1.28 -21.68
C SER A 16 -0.58 2.07 -21.68
N ARG A 17 -1.27 2.14 -20.53
CA ARG A 17 -2.54 2.88 -20.37
C ARG A 17 -2.32 4.37 -20.18
N TYR A 18 -1.32 4.73 -19.36
CA TYR A 18 -1.06 6.12 -19.00
C TYR A 18 -0.08 6.85 -19.90
N PHE A 19 0.84 6.12 -20.57
CA PHE A 19 1.85 6.71 -21.45
C PHE A 19 1.64 6.36 -22.92
N LYS A 20 1.78 7.36 -23.80
CA LYS A 20 1.69 7.20 -25.25
C LYS A 20 3.00 6.61 -25.76
N PHE A 21 4.15 7.17 -25.30
CA PHE A 21 5.50 6.71 -25.64
C PHE A 21 6.16 6.13 -24.39
N GLU A 22 6.64 4.87 -24.49
CA GLU A 22 7.30 4.14 -23.40
C GLU A 22 8.46 4.91 -22.76
N ASN A 23 9.28 5.64 -23.59
CA ASN A 23 10.43 6.45 -23.16
C ASN A 23 10.05 7.51 -22.14
N ASP A 24 8.78 7.98 -22.16
CA ASP A 24 8.24 8.96 -21.20
C ASP A 24 8.14 8.34 -19.79
N PHE A 25 8.12 7.00 -19.71
CA PHE A 25 8.06 6.24 -18.45
C PHE A 25 9.42 5.67 -18.01
N TYR A 26 10.08 4.85 -18.86
CA TYR A 26 11.32 4.19 -18.46
C TYR A 26 12.50 5.13 -18.25
N LYS A 27 12.51 6.32 -18.86
CA LYS A 27 13.60 7.27 -18.67
C LYS A 27 13.32 8.27 -17.51
N LEU A 28 12.23 8.04 -16.73
CA LEU A 28 11.85 8.86 -15.57
C LEU A 28 12.89 8.73 -14.45
N PRO A 29 13.12 9.78 -13.61
CA PRO A 29 14.08 9.63 -12.50
C PRO A 29 13.69 8.52 -11.52
N GLY A 30 14.69 7.74 -11.11
CA GLY A 30 14.45 6.61 -10.23
C GLY A 30 14.09 5.34 -10.97
N ILE A 31 13.73 5.48 -12.27
CA ILE A 31 13.41 4.32 -13.09
C ILE A 31 14.58 4.11 -14.02
N LYS A 32 14.92 5.19 -14.78
CA LYS A 32 16.07 5.29 -15.67
C LYS A 32 16.56 4.04 -16.37
N PHE A 33 15.80 3.53 -17.34
CA PHE A 33 16.28 2.40 -18.12
C PHE A 33 16.99 2.95 -19.34
N THR A 34 18.04 2.22 -19.78
CA THR A 34 18.72 2.55 -21.04
C THR A 34 17.84 1.85 -22.07
N ASP A 35 17.73 2.41 -23.29
CA ASP A 35 16.91 1.88 -24.39
C ASP A 35 17.06 0.36 -24.57
N ALA A 36 18.30 -0.17 -24.41
CA ALA A 36 18.64 -1.58 -24.54
C ALA A 36 18.21 -2.43 -23.33
N ASN A 37 18.44 -1.94 -22.09
CA ASN A 37 18.06 -2.63 -20.85
C ASN A 37 16.55 -2.69 -20.63
N TRP A 38 15.80 -1.70 -21.17
CA TRP A 38 14.35 -1.64 -21.08
C TRP A 38 13.72 -2.73 -21.94
N GLN A 39 14.26 -2.90 -23.17
CA GLN A 39 13.86 -3.91 -24.13
C GLN A 39 14.14 -5.29 -23.51
N LYS A 40 15.31 -5.44 -22.82
CA LYS A 40 15.72 -6.64 -22.09
C LYS A 40 14.68 -6.95 -20.99
N PHE A 41 14.26 -5.90 -20.22
CA PHE A 41 13.27 -6.00 -19.14
C PHE A 41 11.90 -6.48 -19.62
N LYS A 42 11.41 -5.89 -20.70
CA LYS A 42 10.11 -6.18 -21.31
C LYS A 42 10.02 -7.61 -21.82
N ASN A 43 11.12 -8.08 -22.48
CA ASN A 43 11.26 -9.39 -23.14
C ASN A 43 11.56 -10.57 -22.20
N GLY A 44 11.71 -10.31 -20.90
CA GLY A 44 11.96 -11.34 -19.89
C GLY A 44 13.43 -11.59 -19.56
N GLY A 45 14.30 -10.69 -20.00
CA GLY A 45 15.75 -10.78 -19.82
C GLY A 45 16.27 -10.56 -18.42
N THR A 46 15.67 -9.60 -17.67
CA THR A 46 16.07 -9.28 -16.29
C THR A 46 14.94 -9.63 -15.31
N ASP A 47 15.29 -10.37 -14.24
CA ASP A 47 14.38 -10.81 -13.18
C ASP A 47 14.00 -9.63 -12.26
N ILE A 48 12.69 -9.33 -12.14
CA ILE A 48 12.14 -8.22 -11.33
C ILE A 48 12.39 -8.42 -9.83
N GLU A 49 12.42 -9.70 -9.39
CA GLU A 49 12.65 -10.12 -8.00
C GLU A 49 14.07 -9.78 -7.53
N LYS A 50 15.04 -9.76 -8.46
CA LYS A 50 16.44 -9.46 -8.18
C LYS A 50 16.82 -8.03 -8.56
N MET A 51 15.89 -7.27 -9.18
CA MET A 51 16.05 -5.86 -9.56
C MET A 51 16.11 -4.99 -8.30
N GLY A 52 16.72 -3.80 -8.42
CA GLY A 52 16.83 -2.84 -7.33
C GLY A 52 15.48 -2.44 -6.78
N ALA A 53 15.34 -2.47 -5.43
CA ALA A 53 14.10 -2.18 -4.71
C ALA A 53 13.53 -0.78 -5.01
N ALA A 54 14.39 0.26 -4.97
CA ALA A 54 14.01 1.65 -5.25
C ALA A 54 13.49 1.83 -6.68
N ARG A 55 14.07 1.09 -7.64
CA ARG A 55 13.73 1.11 -9.07
C ARG A 55 12.34 0.51 -9.32
N VAL A 56 12.07 -0.68 -8.75
CA VAL A 56 10.80 -1.39 -8.85
C VAL A 56 9.69 -0.58 -8.16
N ASN A 57 9.95 -0.03 -6.98
CA ASN A 57 8.97 0.77 -6.25
C ASN A 57 8.78 2.17 -6.85
N ALA A 58 9.71 2.65 -7.69
CA ALA A 58 9.55 3.95 -8.38
C ALA A 58 8.58 3.79 -9.55
N MET A 59 8.57 2.59 -10.18
CA MET A 59 7.67 2.22 -11.27
C MET A 59 6.24 2.14 -10.71
N LEU A 60 6.08 1.44 -9.57
CA LEU A 60 4.82 1.26 -8.86
C LEU A 60 4.26 2.58 -8.33
N ASP A 61 5.11 3.45 -7.73
CA ASP A 61 4.76 4.76 -7.19
C ASP A 61 4.23 5.70 -8.26
N CYS A 62 4.74 5.56 -9.49
CA CYS A 62 4.34 6.36 -10.64
C CYS A 62 2.96 5.96 -11.15
N LEU A 63 2.76 4.65 -11.36
CA LEU A 63 1.52 4.08 -11.92
C LEU A 63 0.38 3.90 -10.94
N PHE A 64 0.68 3.84 -9.62
CA PHE A 64 -0.35 3.63 -8.61
C PHE A 64 -0.34 4.61 -7.46
N ASP A 65 -1.56 4.94 -6.99
CA ASP A 65 -1.80 5.73 -5.78
C ASP A 65 -1.39 4.75 -4.65
N ASP A 66 -1.01 5.25 -3.49
CA ASP A 66 -0.58 4.40 -2.38
C ASP A 66 -1.69 3.49 -1.88
N PHE A 67 -2.97 3.94 -1.99
CA PHE A 67 -4.11 3.11 -1.64
C PHE A 67 -4.28 1.96 -2.63
N GLU A 68 -3.94 2.18 -3.93
CA GLU A 68 -4.00 1.15 -4.96
C GLU A 68 -2.94 0.08 -4.73
N LEU A 69 -1.76 0.49 -4.24
CA LEU A 69 -0.66 -0.39 -3.86
C LEU A 69 -1.12 -1.34 -2.76
N ALA A 70 -2.01 -0.84 -1.85
CA ALA A 70 -2.64 -1.65 -0.79
C ALA A 70 -3.60 -2.67 -1.41
N MET A 71 -4.41 -2.23 -2.40
CA MET A 71 -5.37 -3.07 -3.13
C MET A 71 -4.67 -4.16 -3.93
N ILE A 72 -3.49 -3.84 -4.54
CA ILE A 72 -2.66 -4.79 -5.28
C ILE A 72 -2.29 -5.97 -4.37
N GLY A 73 -1.82 -5.66 -3.16
CA GLY A 73 -1.42 -6.63 -2.14
C GLY A 73 -2.58 -7.49 -1.66
N LYS A 74 -3.72 -6.86 -1.37
CA LYS A 74 -4.94 -7.53 -0.93
C LYS A 74 -5.50 -8.46 -2.01
N ALA A 75 -5.49 -8.00 -3.28
CA ALA A 75 -5.93 -8.77 -4.44
C ALA A 75 -5.01 -9.98 -4.64
N GLN A 76 -3.68 -9.82 -4.44
CA GLN A 76 -2.67 -10.89 -4.55
C GLN A 76 -2.97 -12.04 -3.60
N THR A 77 -3.31 -11.73 -2.36
CA THR A 77 -3.67 -12.69 -1.32
C THR A 77 -4.86 -13.52 -1.78
N ASN A 78 -5.94 -12.86 -2.27
CA ASN A 78 -7.16 -13.48 -2.79
C ASN A 78 -6.86 -14.36 -4.01
N TYR A 79 -6.07 -13.81 -4.96
CA TYR A 79 -5.64 -14.42 -6.22
C TYR A 79 -4.83 -15.72 -6.02
N TYR A 80 -3.86 -15.72 -5.09
CA TYR A 80 -3.04 -16.91 -4.81
C TYR A 80 -3.70 -17.95 -3.94
N ASN A 81 -4.79 -17.57 -3.28
CA ASN A 81 -5.52 -18.48 -2.44
C ASN A 81 -6.61 -19.21 -3.22
N ASP A 82 -7.05 -18.66 -4.37
CA ASP A 82 -8.11 -19.26 -5.16
C ASP A 82 -7.56 -19.70 -6.50
N ASN A 83 -7.54 -21.04 -6.74
CA ASN A 83 -7.04 -21.63 -7.99
C ASN A 83 -7.93 -21.35 -9.18
N SER A 84 -9.22 -21.09 -8.92
CA SER A 84 -10.23 -20.72 -9.93
C SER A 84 -9.86 -19.36 -10.57
N LEU A 85 -9.34 -18.42 -9.76
CA LEU A 85 -8.90 -17.09 -10.17
C LEU A 85 -7.70 -17.18 -11.11
N LYS A 86 -6.63 -17.92 -10.70
CA LYS A 86 -5.42 -18.12 -11.51
C LYS A 86 -5.73 -18.88 -12.80
N MET A 87 -6.64 -19.86 -12.73
CA MET A 87 -7.07 -20.68 -13.86
C MET A 87 -7.67 -19.81 -14.98
N ASN A 88 -8.63 -18.94 -14.63
CA ASN A 88 -9.39 -18.14 -15.57
C ASN A 88 -8.77 -16.83 -16.03
N MET A 89 -8.01 -16.16 -15.17
CA MET A 89 -7.47 -14.86 -15.58
C MET A 89 -6.09 -14.55 -15.05
N PRO A 90 -5.33 -13.69 -15.75
CA PRO A 90 -4.04 -13.24 -15.20
C PRO A 90 -4.25 -12.32 -13.98
N PHE A 91 -3.19 -12.03 -13.22
CA PHE A 91 -3.34 -11.24 -12.00
C PHE A 91 -3.86 -9.81 -12.22
N TYR A 92 -3.24 -9.04 -13.17
CA TYR A 92 -3.60 -7.65 -13.41
C TYR A 92 -5.10 -7.43 -13.67
N THR A 93 -5.73 -8.40 -14.34
CA THR A 93 -7.16 -8.42 -14.67
C THR A 93 -7.98 -8.64 -13.39
N TYR A 94 -7.53 -9.53 -12.49
CA TYR A 94 -8.21 -9.78 -11.22
C TYR A 94 -8.15 -8.52 -10.35
N TYR A 95 -6.97 -7.84 -10.33
CA TYR A 95 -6.76 -6.60 -9.61
C TYR A 95 -7.77 -5.53 -10.05
N ASP A 96 -7.98 -5.36 -11.37
CA ASP A 96 -8.92 -4.38 -11.95
C ASP A 96 -10.36 -4.60 -11.51
N MET A 97 -10.72 -5.86 -11.39
CA MET A 97 -12.01 -6.37 -10.94
C MET A 97 -12.16 -6.10 -9.44
N PHE A 98 -11.07 -6.35 -8.66
CA PHE A 98 -10.97 -6.11 -7.21
C PHE A 98 -11.18 -4.59 -6.96
N LYS A 99 -10.48 -3.74 -7.74
CA LYS A 99 -10.53 -2.29 -7.69
C LYS A 99 -11.93 -1.74 -8.02
N LYS A 100 -12.55 -2.26 -9.10
CA LYS A 100 -13.91 -1.94 -9.53
C LYS A 100 -14.91 -2.23 -8.41
N GLN A 101 -14.75 -3.39 -7.73
CA GLN A 101 -15.59 -3.79 -6.60
C GLN A 101 -15.44 -2.86 -5.39
N GLN A 102 -14.24 -2.28 -5.20
CA GLN A 102 -14.01 -1.31 -4.12
C GLN A 102 -14.79 -0.04 -4.41
N LEU A 103 -14.75 0.44 -5.68
CA LEU A 103 -15.49 1.59 -6.16
C LEU A 103 -16.99 1.41 -5.94
N LEU A 104 -17.55 0.25 -6.34
CA LEU A 104 -18.96 -0.13 -6.16
C LEU A 104 -19.37 -0.11 -4.70
N LYS A 105 -18.43 -0.50 -3.81
CA LYS A 105 -18.58 -0.46 -2.36
C LYS A 105 -18.69 0.99 -1.87
N TRP A 106 -17.83 1.89 -2.42
CA TRP A 106 -17.83 3.33 -2.11
C TRP A 106 -19.14 3.96 -2.62
N LEU A 107 -19.57 3.60 -3.81
CA LEU A 107 -20.81 4.08 -4.44
C LEU A 107 -22.08 3.64 -3.70
N LYS A 108 -22.01 2.49 -3.01
CA LYS A 108 -23.13 1.93 -2.26
C LYS A 108 -23.19 2.46 -0.84
N ASN A 109 -22.05 2.50 -0.13
CA ASN A 109 -22.00 2.85 1.29
C ASN A 109 -21.46 4.23 1.64
N ASN A 110 -20.79 4.90 0.68
CA ASN A 110 -20.17 6.22 0.93
C ASN A 110 -20.47 7.21 -0.19
N ARG A 111 -21.65 7.10 -0.84
CA ARG A 111 -22.03 7.89 -2.00
C ARG A 111 -21.88 9.42 -1.84
N ASP A 112 -22.31 9.96 -0.70
CA ASP A 112 -22.22 11.40 -0.36
C ASP A 112 -20.76 11.88 -0.14
N ASP A 113 -19.80 10.94 0.00
CA ASP A 113 -18.38 11.17 0.24
C ASP A 113 -17.52 11.03 -1.04
N VAL A 114 -18.08 10.45 -2.10
CA VAL A 114 -17.37 10.19 -3.35
C VAL A 114 -17.09 11.49 -4.14
N ILE A 115 -15.78 11.80 -4.33
CA ILE A 115 -15.33 12.94 -5.12
C ILE A 115 -14.47 12.47 -6.29
N GLY A 116 -14.46 13.24 -7.36
CA GLY A 116 -13.72 12.92 -8.56
C GLY A 116 -12.92 14.08 -9.10
N GLY A 117 -11.93 13.74 -9.89
CA GLY A 117 -11.06 14.70 -10.55
C GLY A 117 -10.26 14.06 -11.67
N THR A 118 -9.38 14.83 -12.27
CA THR A 118 -8.54 14.34 -13.35
C THR A 118 -7.08 14.42 -12.90
N GLY A 119 -6.32 13.37 -13.20
CA GLY A 119 -4.92 13.29 -12.83
C GLY A 119 -3.97 13.54 -13.99
N ARG A 120 -2.82 14.13 -13.67
CA ARG A 120 -1.77 14.40 -14.65
C ARG A 120 -0.59 13.46 -14.42
N MET A 121 0.05 13.03 -15.52
CA MET A 121 1.19 12.12 -15.50
C MET A 121 2.47 12.82 -15.97
N TYR A 122 3.49 12.86 -15.10
CA TYR A 122 4.78 13.47 -15.39
C TYR A 122 5.59 12.54 -16.29
N THR A 123 6.17 13.09 -17.38
CA THR A 123 6.98 12.36 -18.35
C THR A 123 8.47 12.56 -18.08
N ALA A 124 9.35 11.76 -18.73
CA ALA A 124 10.80 11.85 -18.61
C ALA A 124 11.32 13.20 -19.13
N SER A 125 10.70 13.72 -20.22
CA SER A 125 11.04 14.98 -20.87
C SER A 125 10.69 16.27 -20.05
N GLY A 126 10.08 16.11 -18.89
CA GLY A 126 9.72 17.22 -18.01
C GLY A 126 8.31 17.74 -18.16
N ASN A 127 7.58 17.29 -19.21
CA ASN A 127 6.19 17.70 -19.49
C ASN A 127 5.16 16.89 -18.67
N TYR A 128 3.86 17.21 -18.85
CA TYR A 128 2.74 16.54 -18.19
C TYR A 128 1.71 16.07 -19.20
N ILE A 129 1.19 14.84 -19.00
CA ILE A 129 0.10 14.28 -19.79
C ILE A 129 -1.15 14.74 -19.02
N ALA A 130 -1.83 15.79 -19.54
CA ALA A 130 -3.05 16.30 -18.93
C ALA A 130 -4.10 15.25 -19.28
N ASN A 131 -4.97 14.99 -18.32
CA ASN A 131 -6.10 14.03 -18.29
C ASN A 131 -5.65 12.56 -18.52
N ALA A 132 -4.54 12.19 -17.87
CA ALA A 132 -3.94 10.85 -17.92
C ALA A 132 -4.86 9.76 -17.35
N TYR A 133 -5.62 10.09 -16.28
CA TYR A 133 -6.55 9.19 -15.61
C TYR A 133 -7.60 9.97 -14.82
N LEU A 134 -8.70 9.30 -14.48
CA LEU A 134 -9.74 9.82 -13.62
C LEU A 134 -9.37 9.41 -12.19
N GLU A 135 -9.40 10.36 -11.27
CA GLU A 135 -9.13 10.11 -9.86
C GLU A 135 -10.46 10.10 -9.11
N VAL A 136 -10.66 9.10 -8.25
CA VAL A 136 -11.85 8.95 -7.41
C VAL A 136 -11.36 8.83 -5.97
N ALA A 137 -11.88 9.67 -5.07
CA ALA A 137 -11.47 9.66 -3.67
C ALA A 137 -12.67 9.75 -2.76
N LEU A 138 -12.46 9.46 -1.47
CA LEU A 138 -13.45 9.66 -0.43
C LEU A 138 -13.01 10.97 0.23
N GLU A 139 -13.83 12.02 0.06
CA GLU A 139 -13.50 13.37 0.54
C GLU A 139 -13.08 13.45 2.01
N SER A 140 -13.80 12.76 2.91
CA SER A 140 -13.51 12.74 4.35
C SER A 140 -12.13 12.15 4.65
N SER A 141 -11.51 11.38 3.72
CA SER A 141 -10.18 10.77 3.88
C SER A 141 -9.05 11.77 3.51
N SER A 142 -9.43 13.03 3.33
CA SER A 142 -8.62 14.20 3.03
C SER A 142 -7.39 14.26 3.94
N LEU A 143 -6.19 14.43 3.35
CA LEU A 143 -4.90 14.56 4.05
C LEU A 143 -4.31 15.98 3.87
N GLY A 144 -4.99 16.81 3.11
CA GLY A 144 -4.57 18.17 2.78
C GLY A 144 -3.82 18.18 1.45
N SER A 145 -3.77 19.38 0.79
CA SER A 145 -3.07 19.65 -0.49
C SER A 145 -3.46 18.73 -1.66
N GLY A 146 -4.71 18.27 -1.72
CA GLY A 146 -5.18 17.38 -2.79
C GLY A 146 -4.81 15.92 -2.60
N SER A 147 -4.35 15.55 -1.39
CA SER A 147 -3.97 14.20 -0.98
C SER A 147 -5.13 13.58 -0.16
N TYR A 148 -5.42 12.29 -0.41
CA TYR A 148 -6.50 11.53 0.23
C TYR A 148 -6.01 10.16 0.59
N MET A 149 -6.40 9.65 1.76
CA MET A 149 -5.99 8.31 2.21
C MET A 149 -6.62 7.25 1.29
N LEU A 150 -7.90 7.42 0.91
CA LEU A 150 -8.58 6.47 0.04
C LEU A 150 -8.81 7.11 -1.30
N GLN A 151 -8.01 6.69 -2.27
CA GLN A 151 -8.01 7.21 -3.63
C GLN A 151 -7.63 6.12 -4.62
N MET A 152 -8.30 6.15 -5.80
CA MET A 152 -8.21 5.22 -6.95
C MET A 152 -8.07 5.97 -8.26
N ARG A 153 -7.54 5.27 -9.29
CA ARG A 153 -7.38 5.78 -10.65
C ARG A 153 -8.07 4.88 -11.68
N PHE A 154 -8.76 5.50 -12.65
CA PHE A 154 -9.45 4.79 -13.74
C PHE A 154 -9.14 5.42 -15.08
N LYS A 155 -9.11 4.60 -16.13
CA LYS A 155 -8.92 5.06 -17.49
C LYS A 155 -10.24 4.85 -18.22
N ASP A 156 -10.73 5.88 -18.92
CA ASP A 156 -11.97 5.81 -19.69
C ASP A 156 -11.66 5.13 -21.02
N TYR A 157 -12.25 3.95 -21.21
CA TYR A 157 -12.07 3.11 -22.39
C TYR A 157 -13.30 3.10 -23.30
N SER A 158 -14.28 3.99 -23.04
CA SER A 158 -15.49 4.10 -23.85
C SER A 158 -15.17 4.53 -25.29
N LYS A 159 -16.02 4.11 -26.24
CA LYS A 159 -15.87 4.46 -27.65
C LYS A 159 -16.30 5.93 -27.82
N GLY A 160 -17.42 6.27 -27.18
CA GLY A 160 -17.99 7.61 -27.19
C GLY A 160 -17.18 8.68 -26.49
N GLN A 161 -16.48 8.30 -25.40
CA GLN A 161 -15.64 9.19 -24.59
C GLN A 161 -16.42 10.39 -24.05
N GLU A 162 -17.39 10.11 -23.15
CA GLU A 162 -18.23 11.13 -22.51
C GLU A 162 -17.31 12.06 -21.69
N PRO A 163 -17.25 13.38 -22.01
CA PRO A 163 -16.33 14.28 -21.27
C PRO A 163 -16.72 14.40 -19.80
N ILE A 164 -15.74 14.16 -18.89
CA ILE A 164 -15.98 14.19 -17.43
C ILE A 164 -16.43 15.59 -17.01
N PRO A 165 -17.71 15.75 -16.57
CA PRO A 165 -18.21 17.09 -16.24
C PRO A 165 -17.78 17.63 -14.89
N SER A 166 -17.80 18.96 -14.76
CA SER A 166 -17.49 19.65 -13.51
C SER A 166 -18.74 19.60 -12.63
N GLY A 167 -18.53 19.60 -11.32
CA GLY A 167 -19.61 19.54 -10.34
C GLY A 167 -19.66 18.21 -9.62
N ARG A 168 -19.91 18.26 -8.30
CA ARG A 168 -19.97 17.10 -7.44
C ARG A 168 -21.02 16.05 -7.89
N GLN A 169 -22.28 16.49 -8.13
CA GLN A 169 -23.35 15.57 -8.56
C GLN A 169 -23.16 15.10 -9.99
N ASN A 170 -22.73 16.01 -10.89
CA ASN A 170 -22.49 15.70 -12.31
C ASN A 170 -21.42 14.64 -12.49
N ARG A 171 -20.38 14.70 -11.64
CA ARG A 171 -19.27 13.75 -11.68
C ARG A 171 -19.62 12.39 -11.09
N LEU A 172 -20.43 12.37 -10.02
CA LEU A 172 -20.95 11.17 -9.36
C LEU A 172 -21.82 10.41 -10.35
N GLU A 173 -22.69 11.15 -11.08
CA GLU A 173 -23.59 10.63 -12.10
C GLU A 173 -22.81 10.12 -13.29
N TRP A 174 -21.71 10.82 -13.67
CA TRP A 174 -20.85 10.38 -14.78
C TRP A 174 -20.23 9.02 -14.44
N ILE A 175 -19.69 8.88 -13.21
CA ILE A 175 -19.05 7.63 -12.71
C ILE A 175 -20.05 6.47 -12.77
N GLU A 176 -21.26 6.68 -12.23
CA GLU A 176 -22.35 5.69 -12.19
C GLU A 176 -22.88 5.27 -13.55
N ASN A 177 -22.67 6.13 -14.55
CA ASN A 177 -23.11 5.91 -15.93
C ASN A 177 -22.00 5.33 -16.80
N ASN A 178 -20.73 5.39 -16.33
CA ASN A 178 -19.56 4.91 -17.07
C ASN A 178 -18.82 3.76 -16.39
N LEU A 179 -19.48 3.11 -15.42
CA LEU A 179 -19.00 1.98 -14.62
C LEU A 179 -18.46 0.81 -15.47
N GLU A 180 -19.06 0.58 -16.65
CA GLU A 180 -18.65 -0.47 -17.59
C GLU A 180 -17.61 0.03 -18.60
N ASN A 181 -17.34 1.35 -18.63
CA ASN A 181 -16.40 2.01 -19.55
C ASN A 181 -15.07 2.34 -18.93
N ILE A 182 -14.96 2.27 -17.61
CA ILE A 182 -13.73 2.61 -16.90
C ILE A 182 -13.00 1.37 -16.38
N ARG A 183 -11.67 1.40 -16.39
CA ARG A 183 -10.85 0.29 -15.91
C ARG A 183 -9.64 0.74 -15.12
N MET B 1 5.04 4.75 -3.04
CA MET B 1 5.99 5.05 -1.98
C MET B 1 7.47 5.03 -2.46
N LYS B 2 8.43 5.36 -1.57
CA LYS B 2 9.85 5.47 -1.88
C LYS B 2 10.70 4.57 -0.98
N ILE B 3 11.56 3.74 -1.60
CA ILE B 3 12.51 2.88 -0.87
C ILE B 3 13.79 3.66 -0.65
N ASN B 4 14.09 3.96 0.63
CA ASN B 4 15.27 4.71 1.07
C ASN B 4 15.65 4.28 2.49
N ASP B 5 16.60 5.00 3.13
CA ASP B 5 17.09 4.69 4.48
C ASP B 5 16.02 4.84 5.56
N ASP B 6 14.99 5.69 5.31
CA ASP B 6 13.84 5.89 6.19
C ASP B 6 13.00 4.59 6.30
N ILE B 7 12.94 3.81 5.19
CA ILE B 7 12.24 2.52 5.12
C ILE B 7 13.06 1.44 5.81
N LYS B 8 14.40 1.49 5.68
CA LYS B 8 15.34 0.57 6.34
C LYS B 8 15.18 0.73 7.87
N GLU B 9 15.13 1.99 8.34
CA GLU B 9 14.96 2.37 9.74
C GLU B 9 13.60 1.88 10.27
N LEU B 10 12.53 2.04 9.47
CA LEU B 10 11.17 1.60 9.75
C LEU B 10 11.12 0.07 9.88
N ILE B 11 11.79 -0.66 8.94
CA ILE B 11 11.90 -2.13 8.96
C ILE B 11 12.57 -2.59 10.26
N LEU B 12 13.76 -2.04 10.59
CA LEU B 12 14.52 -2.41 11.80
C LEU B 12 13.77 -2.10 13.08
N GLU B 13 13.03 -0.98 13.10
CA GLU B 13 12.20 -0.55 14.21
C GLU B 13 11.01 -1.50 14.45
N TYR B 14 10.31 -1.89 13.40
CA TYR B 14 9.16 -2.77 13.48
C TYR B 14 9.52 -4.23 13.71
N MET B 15 10.69 -4.64 13.24
CA MET B 15 11.27 -5.96 13.43
C MET B 15 11.50 -6.17 14.94
N SER B 16 12.07 -5.14 15.63
CA SER B 16 12.36 -5.15 17.07
C SER B 16 11.12 -5.19 17.97
N ARG B 17 9.95 -4.74 17.46
CA ARG B 17 8.68 -4.71 18.18
C ARG B 17 7.98 -6.07 18.16
N TYR B 18 7.99 -6.73 17.01
CA TYR B 18 7.27 -7.98 16.81
C TYR B 18 8.08 -9.23 17.09
N PHE B 19 9.43 -9.16 16.98
CA PHE B 19 10.32 -10.30 17.21
C PHE B 19 11.19 -10.14 18.45
N LYS B 20 11.31 -11.20 19.27
CA LYS B 20 12.16 -11.21 20.47
C LYS B 20 13.63 -11.40 20.01
N PHE B 21 13.84 -12.38 19.12
CA PHE B 21 15.16 -12.70 18.54
C PHE B 21 15.15 -12.33 17.06
N GLU B 22 16.13 -11.49 16.63
CA GLU B 22 16.29 -11.03 15.25
C GLU B 22 16.32 -12.16 14.21
N ASN B 23 16.98 -13.30 14.55
CA ASN B 23 17.10 -14.50 13.69
C ASN B 23 15.75 -15.07 13.28
N ASP B 24 14.70 -14.86 14.11
CA ASP B 24 13.33 -15.29 13.82
C ASP B 24 12.74 -14.49 12.63
N PHE B 25 13.32 -13.31 12.32
CA PHE B 25 12.93 -12.44 11.22
C PHE B 25 13.84 -12.55 10.00
N TYR B 26 15.16 -12.29 10.15
CA TYR B 26 16.08 -12.27 9.01
C TYR B 26 16.28 -13.63 8.33
N LYS B 27 16.06 -14.75 9.04
CA LYS B 27 16.21 -16.07 8.43
C LYS B 27 14.88 -16.61 7.85
N LEU B 28 13.82 -15.76 7.80
CA LEU B 28 12.50 -16.10 7.21
C LEU B 28 12.61 -16.32 5.69
N PRO B 29 11.76 -17.19 5.09
CA PRO B 29 11.89 -17.55 3.66
C PRO B 29 12.18 -16.46 2.62
N GLY B 30 11.33 -15.44 2.50
CA GLY B 30 11.55 -14.40 1.49
C GLY B 30 12.73 -13.47 1.78
N ILE B 31 13.07 -13.35 3.08
CA ILE B 31 14.13 -12.47 3.54
C ILE B 31 15.50 -13.15 3.46
N LYS B 32 15.63 -14.39 4.03
CA LYS B 32 16.84 -15.21 3.99
C LYS B 32 18.20 -14.50 4.10
N PHE B 33 18.52 -13.96 5.28
CA PHE B 33 19.83 -13.34 5.48
C PHE B 33 20.81 -14.35 6.07
N THR B 34 22.09 -13.97 6.08
CA THR B 34 23.16 -14.72 6.71
C THR B 34 23.55 -13.89 7.92
N ASP B 35 23.96 -14.56 9.01
CA ASP B 35 24.33 -13.88 10.25
C ASP B 35 25.26 -12.66 10.04
N ALA B 36 26.23 -12.78 9.11
CA ALA B 36 27.21 -11.75 8.76
C ALA B 36 26.63 -10.63 7.89
N ASN B 37 25.84 -10.98 6.84
CA ASN B 37 25.23 -10.01 5.93
C ASN B 37 24.11 -9.20 6.59
N TRP B 38 23.44 -9.78 7.59
CA TRP B 38 22.38 -9.12 8.37
C TRP B 38 22.98 -7.99 9.20
N GLN B 39 24.18 -8.21 9.78
CA GLN B 39 24.91 -7.19 10.56
C GLN B 39 25.36 -6.06 9.64
N LYS B 40 25.85 -6.41 8.42
CA LYS B 40 26.30 -5.47 7.40
C LYS B 40 25.17 -4.50 7.03
N PHE B 41 23.95 -5.05 6.83
CA PHE B 41 22.74 -4.32 6.49
C PHE B 41 22.29 -3.38 7.63
N LYS B 42 22.28 -3.91 8.88
CA LYS B 42 21.91 -3.18 10.10
C LYS B 42 22.77 -1.93 10.33
N ASN B 43 24.10 -2.01 10.13
CA ASN B 43 24.96 -0.85 10.36
C ASN B 43 25.43 -0.18 9.06
N GLY B 44 24.45 0.18 8.24
CA GLY B 44 24.60 0.92 6.97
C GLY B 44 25.55 0.44 5.90
N GLY B 45 26.06 -0.77 6.03
CA GLY B 45 27.00 -1.34 5.06
C GLY B 45 26.35 -1.72 3.74
N THR B 46 25.04 -2.01 3.77
CA THR B 46 24.27 -2.41 2.59
C THR B 46 23.20 -1.36 2.23
N ASP B 47 23.15 -0.97 0.94
CA ASP B 47 22.17 0.00 0.42
C ASP B 47 20.84 -0.70 0.07
N ILE B 48 19.76 -0.31 0.76
CA ILE B 48 18.40 -0.86 0.61
C ILE B 48 17.81 -0.56 -0.78
N GLU B 49 18.19 0.58 -1.37
CA GLU B 49 17.77 1.05 -2.69
C GLU B 49 18.28 0.15 -3.81
N LYS B 50 19.44 -0.49 -3.60
CA LYS B 50 20.08 -1.38 -4.57
C LYS B 50 19.83 -2.87 -4.25
N MET B 51 19.19 -3.15 -3.09
CA MET B 51 18.83 -4.50 -2.64
C MET B 51 17.73 -5.08 -3.53
N GLY B 52 17.62 -6.41 -3.56
CA GLY B 52 16.61 -7.13 -4.34
C GLY B 52 15.20 -6.72 -3.95
N ALA B 53 14.35 -6.41 -4.95
CA ALA B 53 12.97 -5.94 -4.78
C ALA B 53 12.10 -6.90 -3.98
N ALA B 54 12.12 -8.20 -4.33
CA ALA B 54 11.36 -9.25 -3.64
C ALA B 54 11.75 -9.38 -2.16
N ARG B 55 13.04 -9.19 -1.85
CA ARG B 55 13.63 -9.28 -0.51
C ARG B 55 13.16 -8.12 0.39
N VAL B 56 13.22 -6.88 -0.13
CA VAL B 56 12.79 -5.67 0.55
C VAL B 56 11.28 -5.69 0.80
N ASN B 57 10.50 -6.11 -0.22
CA ASN B 57 9.05 -6.18 -0.09
C ASN B 57 8.58 -7.38 0.74
N ALA B 58 9.44 -8.41 0.96
CA ALA B 58 9.10 -9.55 1.81
C ALA B 58 9.21 -9.13 3.29
N MET B 59 10.16 -8.20 3.59
CA MET B 59 10.40 -7.63 4.92
C MET B 59 9.18 -6.77 5.28
N LEU B 60 8.75 -5.91 4.35
CA LEU B 60 7.61 -5.01 4.48
C LEU B 60 6.28 -5.77 4.61
N ASP B 61 6.08 -6.82 3.78
CA ASP B 61 4.90 -7.68 3.78
C ASP B 61 4.71 -8.42 5.11
N CYS B 62 5.82 -8.76 5.77
CA CYS B 62 5.84 -9.45 7.05
C CYS B 62 5.42 -8.51 8.19
N LEU B 63 6.06 -7.32 8.25
CA LEU B 63 5.86 -6.33 9.31
C LEU B 63 4.62 -5.45 9.15
N PHE B 64 4.09 -5.32 7.92
CA PHE B 64 2.93 -4.46 7.67
C PHE B 64 1.80 -5.11 6.91
N ASP B 65 0.57 -4.72 7.29
CA ASP B 65 -0.68 -5.07 6.60
C ASP B 65 -0.58 -4.23 5.31
N ASP B 66 -1.26 -4.65 4.23
CA ASP B 66 -1.19 -3.94 2.97
C ASP B 66 -1.75 -2.53 3.06
N PHE B 67 -2.74 -2.31 3.95
CA PHE B 67 -3.28 -0.98 4.20
C PHE B 67 -2.25 -0.08 4.89
N GLU B 68 -1.40 -0.66 5.77
CA GLU B 68 -0.33 0.07 6.44
C GLU B 68 0.73 0.51 5.46
N LEU B 69 1.01 -0.34 4.45
CA LEU B 69 1.94 -0.05 3.36
C LEU B 69 1.46 1.17 2.58
N ALA B 70 0.13 1.34 2.46
CA ALA B 70 -0.51 2.51 1.84
C ALA B 70 -0.31 3.75 2.73
N MET B 71 -0.46 3.60 4.07
CA MET B 71 -0.26 4.66 5.06
C MET B 71 1.20 5.12 5.09
N ILE B 72 2.16 4.17 4.94
CA ILE B 72 3.61 4.46 4.88
C ILE B 72 3.87 5.45 3.71
N GLY B 73 3.30 5.16 2.54
CA GLY B 73 3.42 5.97 1.33
C GLY B 73 2.79 7.34 1.47
N LYS B 74 1.59 7.40 2.05
CA LYS B 74 0.85 8.65 2.28
C LYS B 74 1.57 9.53 3.29
N ALA B 75 2.11 8.92 4.37
CA ALA B 75 2.88 9.60 5.41
C ALA B 75 4.18 10.17 4.80
N GLN B 76 4.85 9.40 3.88
CA GLN B 76 6.07 9.82 3.16
C GLN B 76 5.86 11.11 2.39
N THR B 77 4.75 11.23 1.66
CA THR B 77 4.37 12.40 0.89
C THR B 77 4.25 13.60 1.79
N ASN B 78 3.54 13.47 2.94
CA ASN B 78 3.37 14.50 3.96
C ASN B 78 4.71 14.87 4.59
N TYR B 79 5.48 13.86 4.99
CA TYR B 79 6.77 14.01 5.65
C TYR B 79 7.82 14.75 4.81
N TYR B 80 7.98 14.35 3.52
CA TYR B 80 8.97 14.96 2.62
C TYR B 80 8.56 16.35 2.13
N ASN B 81 7.30 16.74 2.36
CA ASN B 81 6.79 18.03 1.94
C ASN B 81 6.69 19.05 3.06
N ASP B 82 6.88 18.61 4.29
CA ASP B 82 6.83 19.48 5.46
C ASP B 82 8.20 19.53 6.11
N ASN B 83 8.85 20.71 6.06
CA ASN B 83 10.19 20.95 6.64
C ASN B 83 10.20 20.85 8.16
N SER B 84 9.07 21.20 8.80
CA SER B 84 8.85 21.15 10.23
C SER B 84 8.93 19.72 10.75
N LEU B 85 8.31 18.79 10.01
CA LEU B 85 8.27 17.35 10.31
C LEU B 85 9.68 16.76 10.24
N LYS B 86 10.40 17.02 9.11
CA LYS B 86 11.78 16.55 8.83
C LYS B 86 12.78 17.10 9.85
N MET B 87 12.55 18.33 10.31
CA MET B 87 13.35 19.02 11.31
C MET B 87 13.25 18.32 12.68
N ASN B 88 12.02 18.06 13.15
CA ASN B 88 11.73 17.56 14.48
C ASN B 88 11.78 16.06 14.70
N MET B 89 11.43 15.25 13.70
CA MET B 89 11.42 13.81 13.94
C MET B 89 11.84 12.96 12.76
N PRO B 90 12.36 11.72 13.03
CA PRO B 90 12.60 10.77 11.90
C PRO B 90 11.27 10.28 11.31
N PHE B 91 11.32 9.69 10.10
CA PHE B 91 10.14 9.23 9.38
C PHE B 91 9.29 8.17 10.14
N TYR B 92 9.89 7.09 10.69
CA TYR B 92 9.15 6.00 11.36
C TYR B 92 8.24 6.51 12.51
N THR B 93 8.69 7.56 13.21
CA THR B 93 7.95 8.19 14.30
C THR B 93 6.78 8.99 13.75
N TYR B 94 6.97 9.68 12.61
CA TYR B 94 5.90 10.43 11.97
C TYR B 94 4.82 9.46 11.47
N TYR B 95 5.26 8.32 10.87
CA TYR B 95 4.38 7.26 10.40
C TYR B 95 3.45 6.76 11.53
N ASP B 96 4.01 6.49 12.73
CA ASP B 96 3.27 6.01 13.90
C ASP B 96 2.19 6.98 14.35
N MET B 97 2.50 8.26 14.26
CA MET B 97 1.64 9.40 14.57
C MET B 97 0.53 9.48 13.51
N PHE B 98 0.90 9.29 12.21
CA PHE B 98 0.01 9.27 11.04
C PHE B 98 -1.02 8.12 11.24
N LYS B 99 -0.52 6.92 11.59
CA LYS B 99 -1.29 5.71 11.85
C LYS B 99 -2.25 5.88 13.04
N LYS B 100 -1.77 6.44 14.16
CA LYS B 100 -2.56 6.75 15.36
C LYS B 100 -3.72 7.68 15.00
N GLN B 101 -3.46 8.70 14.15
CA GLN B 101 -4.47 9.64 13.69
C GLN B 101 -5.52 8.99 12.82
N GLN B 102 -5.16 7.94 12.06
CA GLN B 102 -6.12 7.18 11.24
C GLN B 102 -7.05 6.41 12.16
N LEU B 103 -6.51 5.79 13.22
CA LEU B 103 -7.28 5.06 14.23
C LEU B 103 -8.29 5.99 14.90
N LEU B 104 -7.84 7.19 15.36
CA LEU B 104 -8.68 8.22 15.98
C LEU B 104 -9.82 8.64 15.07
N LYS B 105 -9.55 8.70 13.76
CA LYS B 105 -10.51 9.00 12.71
C LYS B 105 -11.58 7.89 12.63
N TRP B 106 -11.15 6.62 12.69
CA TRP B 106 -12.01 5.43 12.67
C TRP B 106 -12.87 5.43 13.95
N LEU B 107 -12.27 5.72 15.10
CA LEU B 107 -12.93 5.76 16.41
C LEU B 107 -13.97 6.88 16.53
N LYS B 108 -13.77 7.98 15.78
CA LYS B 108 -14.67 9.12 15.77
C LYS B 108 -15.82 8.94 14.79
N ASN B 109 -15.52 8.51 13.54
CA ASN B 109 -16.49 8.46 12.46
C ASN B 109 -17.03 7.08 12.08
N ASN B 110 -16.36 6.01 12.53
CA ASN B 110 -16.75 4.64 12.16
C ASN B 110 -16.77 3.73 13.39
N ARG B 111 -17.07 4.27 14.60
CA ARG B 111 -16.99 3.51 15.85
C ARG B 111 -17.75 2.18 15.86
N ASP B 112 -18.97 2.16 15.33
CA ASP B 112 -19.81 0.96 15.25
C ASP B 112 -19.27 -0.09 14.23
N ASP B 113 -18.24 0.30 13.46
CA ASP B 113 -17.61 -0.51 12.42
C ASP B 113 -16.21 -1.02 12.81
N VAL B 114 -15.67 -0.53 13.93
CA VAL B 114 -14.35 -0.89 14.43
C VAL B 114 -14.37 -2.28 15.10
N ILE B 115 -13.58 -3.21 14.56
CA ILE B 115 -13.41 -4.55 15.11
C ILE B 115 -11.94 -4.79 15.46
N GLY B 116 -11.71 -5.58 16.49
CA GLY B 116 -10.37 -5.86 16.98
C GLY B 116 -10.10 -7.33 17.18
N GLY B 117 -8.83 -7.68 17.18
CA GLY B 117 -8.36 -9.04 17.37
C GLY B 117 -6.87 -9.07 17.64
N THR B 118 -6.33 -10.27 17.75
CA THR B 118 -4.91 -10.45 18.01
C THR B 118 -4.27 -11.15 16.82
N GLY B 119 -3.06 -10.72 16.47
CA GLY B 119 -2.36 -11.29 15.33
C GLY B 119 -1.21 -12.19 15.72
N ARG B 120 -1.00 -13.24 14.90
CA ARG B 120 0.09 -14.18 15.09
C ARG B 120 1.22 -13.77 14.17
N MET B 121 2.46 -14.05 14.59
CA MET B 121 3.63 -13.78 13.81
C MET B 121 4.42 -15.07 13.62
N TYR B 122 4.77 -15.37 12.37
CA TYR B 122 5.51 -16.57 11.99
C TYR B 122 7.02 -16.30 12.07
N THR B 123 7.76 -17.23 12.72
CA THR B 123 9.22 -17.15 12.89
C THR B 123 9.95 -18.02 11.85
N ALA B 124 11.28 -17.84 11.72
CA ALA B 124 12.13 -18.62 10.82
C ALA B 124 12.12 -20.10 11.18
N SER B 125 12.11 -20.42 12.50
CA SER B 125 12.12 -21.76 13.07
C SER B 125 10.80 -22.57 12.87
N GLY B 126 9.79 -21.96 12.24
CA GLY B 126 8.51 -22.60 11.97
C GLY B 126 7.42 -22.39 13.01
N ASN B 127 7.77 -21.80 14.16
CA ASN B 127 6.82 -21.52 15.24
C ASN B 127 6.04 -20.18 15.03
N TYR B 128 5.15 -19.86 15.99
CA TYR B 128 4.34 -18.65 15.98
C TYR B 128 4.46 -17.88 17.29
N ILE B 129 4.57 -16.54 17.18
CA ILE B 129 4.57 -15.63 18.32
C ILE B 129 3.09 -15.30 18.47
N ALA B 130 2.44 -15.90 19.49
CA ALA B 130 0.99 -15.84 19.77
C ALA B 130 0.29 -14.43 19.73
N ASN B 131 0.53 -13.49 20.64
CA ASN B 131 -0.18 -12.20 20.63
C ASN B 131 0.85 -11.17 20.22
N ALA B 132 1.38 -11.31 18.99
CA ALA B 132 2.44 -10.46 18.43
C ALA B 132 2.06 -8.99 18.31
N TYR B 133 0.78 -8.73 17.96
CA TYR B 133 0.21 -7.40 17.79
C TYR B 133 -1.31 -7.43 17.91
N LEU B 134 -1.89 -6.25 18.17
CA LEU B 134 -3.34 -6.04 18.18
C LEU B 134 -3.72 -5.61 16.74
N GLU B 135 -4.73 -6.26 16.18
CA GLU B 135 -5.25 -5.95 14.86
C GLU B 135 -6.53 -5.18 15.01
N VAL B 136 -6.69 -4.12 14.23
CA VAL B 136 -7.86 -3.26 14.23
C VAL B 136 -8.30 -3.15 12.80
N ALA B 137 -9.58 -3.42 12.53
CA ALA B 137 -10.11 -3.34 11.16
C ALA B 137 -11.45 -2.66 11.16
N LEU B 138 -11.90 -2.27 9.96
CA LEU B 138 -13.24 -1.75 9.75
C LEU B 138 -14.00 -2.94 9.18
N GLU B 139 -14.95 -3.48 9.95
CA GLU B 139 -15.74 -4.66 9.58
C GLU B 139 -16.36 -4.60 8.17
N SER B 140 -16.95 -3.46 7.79
CA SER B 140 -17.56 -3.26 6.47
C SER B 140 -16.55 -3.36 5.30
N SER B 141 -15.24 -3.27 5.58
CA SER B 141 -14.18 -3.39 4.58
C SER B 141 -13.76 -4.85 4.34
N SER B 142 -14.55 -5.79 4.91
CA SER B 142 -14.40 -7.24 4.80
C SER B 142 -14.24 -7.69 3.37
N LEU B 143 -13.17 -8.44 3.12
CA LEU B 143 -12.85 -9.04 1.82
C LEU B 143 -13.17 -10.54 1.83
N GLY B 144 -13.62 -11.04 2.99
CA GLY B 144 -13.90 -12.44 3.24
C GLY B 144 -12.66 -13.18 3.73
N SER B 145 -12.86 -14.34 4.38
CA SER B 145 -11.81 -15.25 4.89
C SER B 145 -10.80 -14.59 5.86
N GLY B 146 -11.29 -13.67 6.70
CA GLY B 146 -10.50 -12.95 7.70
C GLY B 146 -9.66 -11.81 7.16
N SER B 147 -9.90 -11.44 5.89
CA SER B 147 -9.23 -10.35 5.20
C SER B 147 -10.09 -9.08 5.21
N TYR B 148 -9.45 -7.91 5.43
CA TYR B 148 -10.10 -6.60 5.46
C TYR B 148 -9.28 -5.64 4.68
N MET B 149 -9.95 -4.77 3.88
CA MET B 149 -9.26 -3.76 3.08
C MET B 149 -8.61 -2.74 4.01
N LEU B 150 -9.32 -2.32 5.09
CA LEU B 150 -8.80 -1.34 6.03
C LEU B 150 -8.48 -2.02 7.34
N GLN B 151 -7.19 -2.27 7.55
CA GLN B 151 -6.67 -2.95 8.72
C GLN B 151 -5.32 -2.38 9.12
N MET B 152 -5.07 -2.33 10.44
CA MET B 152 -3.93 -1.70 11.08
C MET B 152 -3.46 -2.56 12.26
N ARG B 153 -2.17 -2.44 12.66
CA ARG B 153 -1.54 -3.19 13.76
C ARG B 153 -0.93 -2.29 14.81
N PHE B 154 -1.14 -2.65 16.10
CA PHE B 154 -0.58 -1.92 17.24
C PHE B 154 0.08 -2.84 18.24
N LYS B 155 1.11 -2.34 18.92
CA LYS B 155 1.79 -3.07 19.97
C LYS B 155 1.46 -2.37 21.28
N ASP B 156 1.01 -3.14 22.29
CA ASP B 156 0.70 -2.64 23.62
C ASP B 156 2.00 -2.47 24.39
N TYR B 157 2.25 -1.25 24.85
CA TYR B 157 3.44 -0.88 25.59
C TYR B 157 3.17 -0.40 26.99
N SER B 158 1.95 -0.67 27.48
CA SER B 158 1.60 -0.24 28.82
C SER B 158 2.47 -0.95 29.84
N LYS B 159 2.80 -0.26 30.93
CA LYS B 159 3.54 -0.86 32.04
C LYS B 159 2.62 -1.94 32.62
N GLY B 160 1.34 -1.56 32.84
CA GLY B 160 0.28 -2.40 33.37
C GLY B 160 -0.14 -3.56 32.50
N GLN B 161 -0.12 -3.38 31.14
CA GLN B 161 -0.52 -4.38 30.13
C GLN B 161 -1.92 -4.93 30.37
N GLU B 162 -2.94 -4.05 30.34
CA GLU B 162 -4.35 -4.41 30.53
C GLU B 162 -4.68 -5.54 29.51
N PRO B 163 -5.14 -6.75 29.98
CA PRO B 163 -5.42 -7.84 29.03
C PRO B 163 -6.55 -7.48 28.06
N ILE B 164 -6.30 -7.63 26.72
CA ILE B 164 -7.29 -7.27 25.68
C ILE B 164 -8.54 -8.16 25.85
N PRO B 165 -9.69 -7.57 26.25
CA PRO B 165 -10.88 -8.39 26.52
C PRO B 165 -11.66 -8.84 25.29
N SER B 166 -12.43 -9.92 25.44
CA SER B 166 -13.28 -10.45 24.39
C SER B 166 -14.56 -9.63 24.40
N GLY B 167 -15.20 -9.47 23.25
CA GLY B 167 -16.42 -8.70 23.13
C GLY B 167 -16.21 -7.43 22.32
N ARG B 168 -17.16 -7.13 21.43
CA ARG B 168 -17.09 -5.99 20.52
C ARG B 168 -16.99 -4.64 21.24
N GLN B 169 -17.92 -4.36 22.15
CA GLN B 169 -17.97 -3.11 22.90
C GLN B 169 -16.88 -3.01 23.98
N ASN B 170 -16.44 -4.15 24.54
CA ASN B 170 -15.37 -4.19 25.53
C ASN B 170 -14.01 -3.90 24.90
N ARG B 171 -13.74 -4.48 23.70
CA ARG B 171 -12.52 -4.27 22.93
C ARG B 171 -12.38 -2.84 22.44
N LEU B 172 -13.51 -2.23 22.09
CA LEU B 172 -13.65 -0.84 21.65
C LEU B 172 -13.26 0.08 22.79
N GLU B 173 -13.77 -0.23 24.00
CA GLU B 173 -13.49 0.48 25.25
C GLU B 173 -12.03 0.31 25.66
N TRP B 174 -11.46 -0.90 25.45
CA TRP B 174 -10.05 -1.16 25.74
C TRP B 174 -9.16 -0.25 24.87
N ILE B 175 -9.45 -0.19 23.54
CA ILE B 175 -8.70 0.63 22.57
C ILE B 175 -8.73 2.11 23.00
N GLU B 176 -9.93 2.64 23.30
CA GLU B 176 -10.17 4.03 23.72
C GLU B 176 -9.50 4.41 25.05
N ASN B 177 -9.16 3.40 25.84
CA ASN B 177 -8.56 3.56 27.15
C ASN B 177 -7.05 3.36 27.12
N ASN B 178 -6.53 2.78 26.02
CA ASN B 178 -5.10 2.47 25.84
C ASN B 178 -4.47 3.18 24.65
N LEU B 179 -5.14 4.23 24.17
CA LEU B 179 -4.74 5.08 23.05
C LEU B 179 -3.31 5.65 23.21
N GLU B 180 -2.88 5.92 24.44
CA GLU B 180 -1.54 6.44 24.76
C GLU B 180 -0.54 5.31 25.04
N ASN B 181 -1.02 4.05 25.15
CA ASN B 181 -0.20 2.87 25.43
C ASN B 181 0.12 2.03 24.22
N ILE B 182 -0.55 2.28 23.11
CA ILE B 182 -0.37 1.51 21.88
C ILE B 182 0.42 2.29 20.83
N ARG B 183 1.25 1.59 20.05
CA ARG B 183 2.04 2.22 19.01
C ARG B 183 2.13 1.39 17.73
#